data_7E2B
#
_entry.id   7E2B
#
_cell.length_a   46.920
_cell.length_b   70.120
_cell.length_c   90.500
_cell.angle_alpha   90.000
_cell.angle_beta   90.000
_cell.angle_gamma   90.000
#
_symmetry.space_group_name_H-M   'P 21 21 21'
#
loop_
_entity.id
_entity.type
_entity.pdbx_description
1 polymer 'Glycerophosphodiester phosphodiesterase'
2 non-polymer 'PALMITIC ACID'
3 non-polymer 'CHOLINE ION'
4 non-polymer 'MAGNESIUM ION'
5 water water
#
_entity_poly.entity_id   1
_entity_poly.type   'polypeptide(L)'
_entity_poly.pdbx_seq_one_letter_code
;MVGNPMWERDKIIVLGHRGYMAKYPENSLLSIRKAIEAGADGVEIDVWLSKDNKVILMHAETIDRTSNLKGRQKEMTLEE
LKKANIGMGERIPTLEEVFEILPKDALLNIEIKDRDAAKEVARIVSENNPERVMISSFDIEALREYRKYDDTTIMGLLVD
KEETVPLIPKLKEKLNLWSVNVPMEAIPIIGFEKTYQAIKWVRSLGLKIVLWTEDDKLFYVDENLKRLLGMFEVVIANDV
ERMVSYLSSLGIRLE
;
_entity_poly.pdbx_strand_id   A
#
loop_
_chem_comp.id
_chem_comp.type
_chem_comp.name
_chem_comp.formula
CHT non-polymer 'CHOLINE ION' 'C5 H14 N O 1'
MG non-polymer 'MAGNESIUM ION' 'Mg 2'
PLM non-polymer 'PALMITIC ACID' 'C16 H32 O2'
#
# COMPACT_ATOMS: atom_id res chain seq x y z
N GLY A 3 13.33 14.02 -5.68
CA GLY A 3 12.94 14.31 -7.06
C GLY A 3 12.44 13.11 -7.85
N ASN A 4 11.50 12.35 -7.27
CA ASN A 4 10.82 11.28 -7.99
C ASN A 4 9.51 11.85 -8.51
N PRO A 5 9.38 12.12 -9.82
CA PRO A 5 8.18 12.81 -10.32
C PRO A 5 6.92 11.95 -10.28
N MET A 6 7.05 10.63 -10.21
CA MET A 6 5.87 9.77 -10.17
C MET A 6 5.14 9.89 -8.85
N TRP A 7 5.86 10.13 -7.75
CA TRP A 7 5.26 10.21 -6.42
C TRP A 7 5.22 11.61 -5.86
N GLU A 8 6.04 12.52 -6.39
CA GLU A 8 6.10 13.91 -5.94
C GLU A 8 5.34 14.71 -6.98
N ARG A 9 4.05 14.88 -6.72
CA ARG A 9 3.14 15.55 -7.61
C ARG A 9 2.43 16.64 -6.86
N ASP A 10 1.91 17.60 -7.60
CA ASP A 10 0.98 18.55 -7.00
C ASP A 10 -0.40 17.92 -6.79
N LYS A 11 -0.78 16.92 -7.57
CA LYS A 11 -2.09 16.30 -7.44
C LYS A 11 -2.05 15.18 -6.41
N ILE A 12 -3.09 15.14 -5.57
CA ILE A 12 -3.25 14.06 -4.62
C ILE A 12 -3.35 12.73 -5.35
N ILE A 13 -2.65 11.74 -4.85
CA ILE A 13 -2.59 10.39 -5.39
C ILE A 13 -3.63 9.53 -4.69
N VAL A 14 -4.43 8.81 -5.47
CA VAL A 14 -5.40 7.84 -4.98
C VAL A 14 -4.96 6.46 -5.41
N LEU A 15 -4.78 5.56 -4.43
CA LEU A 15 -4.46 4.15 -4.67
C LEU A 15 -5.62 3.29 -4.19
N GLY A 16 -5.93 2.24 -4.94
CA GLY A 16 -6.89 1.26 -4.47
C GLY A 16 -6.30 0.30 -3.45
N HIS A 17 -6.98 0.15 -2.33
CA HIS A 17 -6.52 -0.73 -1.27
C HIS A 17 -6.74 -2.19 -1.68
N ARG A 18 -5.67 -2.97 -1.67
CA ARG A 18 -5.70 -4.35 -2.13
C ARG A 18 -6.30 -4.45 -3.53
N GLY A 19 -5.98 -3.48 -4.36
CA GLY A 19 -6.65 -3.35 -5.65
C GLY A 19 -7.89 -2.48 -5.52
N TYR A 20 -9.01 -3.07 -5.08
CA TYR A 20 -10.24 -2.28 -4.88
C TYR A 20 -11.17 -3.16 -4.04
N MET A 21 -10.81 -3.32 -2.75
CA MET A 21 -11.44 -4.41 -1.99
C MET A 21 -12.88 -4.09 -1.62
N ALA A 22 -13.34 -2.85 -1.77
CA ALA A 22 -14.74 -2.56 -1.48
C ALA A 22 -15.68 -3.24 -2.47
N LYS A 23 -15.25 -3.47 -3.72
CA LYS A 23 -16.13 -3.99 -4.77
C LYS A 23 -15.64 -5.26 -5.47
N TYR A 24 -14.34 -5.57 -5.45
CA TYR A 24 -13.80 -6.72 -6.15
C TYR A 24 -12.90 -7.53 -5.24
N PRO A 25 -12.63 -8.80 -5.58
CA PRO A 25 -11.84 -9.65 -4.67
C PRO A 25 -10.48 -9.03 -4.36
N GLU A 26 -10.11 -9.04 -3.09
CA GLU A 26 -8.90 -8.34 -2.68
C GLU A 26 -7.65 -9.02 -3.25
N ASN A 27 -6.65 -8.20 -3.59
CA ASN A 27 -5.36 -8.69 -4.07
C ASN A 27 -5.55 -9.64 -5.25
N SER A 28 -6.36 -9.21 -6.22
CA SER A 28 -6.62 -9.97 -7.45
C SER A 28 -6.34 -9.09 -8.66
N LEU A 29 -6.08 -9.76 -9.80
CA LEU A 29 -5.78 -9.03 -11.03
C LEU A 29 -7.01 -8.29 -11.55
N LEU A 30 -8.19 -8.82 -11.27
CA LEU A 30 -9.42 -8.15 -11.66
C LEU A 30 -9.56 -6.82 -10.92
N SER A 31 -9.40 -6.85 -9.61
CA SER A 31 -9.57 -5.61 -8.83
C SER A 31 -8.58 -4.52 -9.27
N ILE A 32 -7.38 -4.92 -9.70
CA ILE A 32 -6.37 -3.95 -10.08
C ILE A 32 -6.79 -3.19 -11.33
N ARG A 33 -7.18 -3.93 -12.37
CA ARG A 33 -7.62 -3.26 -13.60
C ARG A 33 -8.81 -2.36 -13.34
N LYS A 34 -9.75 -2.82 -12.53
CA LYS A 34 -10.93 -2.01 -12.23
C LYS A 34 -10.56 -0.74 -11.48
N ALA A 35 -9.60 -0.83 -10.55
CA ALA A 35 -9.22 0.37 -9.82
C ALA A 35 -8.75 1.45 -10.80
N ILE A 36 -7.88 1.06 -11.72
CA ILE A 36 -7.32 1.99 -12.68
C ILE A 36 -8.43 2.59 -13.54
N GLU A 37 -9.39 1.76 -13.95
CA GLU A 37 -10.46 2.31 -14.80
C GLU A 37 -11.39 3.23 -14.01
N ALA A 38 -11.50 3.02 -12.70
CA ALA A 38 -12.25 3.93 -11.84
C ALA A 38 -11.49 5.22 -11.52
N GLY A 39 -10.30 5.43 -12.06
CA GLY A 39 -9.61 6.67 -11.83
C GLY A 39 -8.52 6.66 -10.77
N ALA A 40 -8.22 5.52 -10.17
CA ALA A 40 -7.07 5.44 -9.28
C ALA A 40 -5.77 5.66 -10.04
N ASP A 41 -4.82 6.26 -9.37
CA ASP A 41 -3.46 6.40 -9.90
C ASP A 41 -2.71 5.09 -9.88
N GLY A 42 -3.18 4.12 -9.10
CA GLY A 42 -2.45 2.90 -8.89
C GLY A 42 -3.14 2.12 -7.78
N VAL A 43 -2.42 1.12 -7.25
CA VAL A 43 -2.96 0.18 -6.30
C VAL A 43 -1.91 -0.16 -5.25
N GLU A 44 -2.39 -0.55 -4.07
CA GLU A 44 -1.57 -1.12 -3.00
C GLU A 44 -1.90 -2.60 -2.95
N ILE A 45 -0.86 -3.45 -2.82
CA ILE A 45 -0.98 -4.89 -2.71
C ILE A 45 -0.13 -5.37 -1.54
N ASP A 46 -0.43 -6.58 -1.07
CA ASP A 46 0.31 -7.26 0.02
C ASP A 46 1.05 -8.46 -0.58
N VAL A 47 2.35 -8.63 -0.25
CA VAL A 47 3.09 -9.74 -0.81
C VAL A 47 3.82 -10.59 0.23
N TRP A 48 3.87 -11.88 -0.07
CA TRP A 48 4.56 -12.92 0.69
C TRP A 48 5.41 -13.74 -0.27
N LEU A 49 6.28 -14.58 0.27
CA LEU A 49 7.15 -15.44 -0.52
C LEU A 49 6.69 -16.89 -0.36
N SER A 50 6.40 -17.55 -1.47
CA SER A 50 5.96 -18.93 -1.39
C SER A 50 7.15 -19.84 -1.10
N LYS A 51 6.83 -21.07 -0.69
CA LYS A 51 7.85 -22.06 -0.38
C LYS A 51 8.88 -22.19 -1.49
N ASP A 52 8.45 -22.14 -2.76
CA ASP A 52 9.34 -22.25 -3.91
C ASP A 52 9.77 -20.90 -4.47
N ASN A 53 9.79 -19.85 -3.62
CA ASN A 53 10.54 -18.64 -3.93
C ASN A 53 9.83 -17.76 -4.96
N LYS A 54 8.51 -17.80 -4.99
CA LYS A 54 7.75 -16.89 -5.84
C LYS A 54 7.02 -15.86 -4.97
N VAL A 55 6.98 -14.61 -5.44
CA VAL A 55 6.32 -13.54 -4.70
C VAL A 55 4.84 -13.53 -5.09
N ILE A 56 3.97 -13.79 -4.12
CA ILE A 56 2.54 -13.93 -4.33
C ILE A 56 1.80 -12.89 -3.52
N LEU A 57 0.55 -12.62 -3.91
CA LEU A 57 -0.25 -11.56 -3.32
C LEU A 57 -1.23 -12.16 -2.31
N MET A 58 -1.16 -11.69 -1.07
CA MET A 58 -2.15 -12.12 -0.10
C MET A 58 -2.01 -11.28 1.17
N HIS A 59 -3.15 -10.88 1.74
CA HIS A 59 -3.08 -10.03 2.92
C HIS A 59 -2.71 -10.82 4.18
N ALA A 60 -3.53 -11.81 4.54
CA ALA A 60 -3.30 -12.65 5.71
C ALA A 60 -2.13 -13.62 5.50
N GLU A 61 -1.66 -14.24 6.60
CA GLU A 61 -0.57 -15.21 6.50
C GLU A 61 -1.04 -16.61 6.13
N THR A 62 -2.35 -16.81 6.03
CA THR A 62 -2.94 -18.03 5.49
C THR A 62 -3.97 -17.62 4.44
N ILE A 63 -4.28 -18.56 3.54
CA ILE A 63 -5.22 -18.30 2.45
C ILE A 63 -6.65 -18.58 2.85
N ASP A 64 -6.87 -19.06 4.08
CA ASP A 64 -8.17 -19.33 4.68
C ASP A 64 -9.26 -18.38 4.21
N ARG A 65 -9.07 -17.08 4.48
CA ARG A 65 -10.19 -16.14 4.47
C ARG A 65 -10.56 -15.62 3.10
N THR A 66 -9.62 -15.46 2.19
CA THR A 66 -10.02 -14.94 0.88
C THR A 66 -10.19 -16.03 -0.16
N SER A 67 -9.80 -17.27 0.16
CA SER A 67 -9.82 -18.34 -0.82
C SER A 67 -10.60 -19.54 -0.27
N ASN A 68 -10.90 -20.47 -1.17
CA ASN A 68 -11.68 -21.65 -0.79
C ASN A 68 -10.83 -22.75 -0.15
N LEU A 69 -9.53 -22.54 0.03
CA LEU A 69 -8.65 -23.57 0.57
C LEU A 69 -8.04 -23.10 1.88
N LYS A 70 -7.19 -23.96 2.45
CA LYS A 70 -6.58 -23.78 3.76
C LYS A 70 -5.06 -23.89 3.59
N GLY A 71 -4.32 -23.18 4.45
CA GLY A 71 -2.88 -23.34 4.49
C GLY A 71 -2.12 -22.04 4.58
N ARG A 72 -0.84 -22.12 4.92
CA ARG A 72 0.07 -20.99 4.98
C ARG A 72 0.87 -20.94 3.67
N GLN A 73 0.70 -19.83 2.94
CA GLN A 73 1.35 -19.72 1.63
C GLN A 73 2.88 -19.79 1.72
N LYS A 74 3.47 -19.36 2.82
CA LYS A 74 4.92 -19.51 2.95
C LYS A 74 5.33 -20.98 2.95
N GLU A 75 4.38 -21.88 3.17
CA GLU A 75 4.61 -23.31 3.31
C GLU A 75 4.03 -24.08 2.11
N MET A 76 3.74 -23.37 1.03
CA MET A 76 3.07 -23.91 -0.15
C MET A 76 3.83 -23.43 -1.37
N THR A 77 3.63 -24.12 -2.49
CA THR A 77 4.25 -23.73 -3.75
C THR A 77 3.21 -23.02 -4.63
N LEU A 78 3.70 -22.49 -5.75
CA LEU A 78 2.87 -21.67 -6.62
C LEU A 78 1.81 -22.49 -7.33
N GLU A 79 2.14 -23.72 -7.75
CA GLU A 79 1.13 -24.58 -8.39
C GLU A 79 0.02 -24.96 -7.41
N GLU A 80 0.39 -25.24 -6.15
CA GLU A 80 -0.62 -25.45 -5.12
C GLU A 80 -1.52 -24.23 -4.97
N LEU A 81 -0.96 -23.02 -5.15
CA LEU A 81 -1.66 -21.78 -4.82
C LEU A 81 -2.54 -21.28 -5.95
N LYS A 82 -2.08 -21.37 -7.21
CA LYS A 82 -2.88 -20.97 -8.37
C LYS A 82 -4.10 -21.88 -8.53
N LYS A 83 -4.23 -22.84 -7.62
CA LYS A 83 -5.33 -23.79 -7.53
C LYS A 83 -6.44 -23.29 -6.62
N ALA A 84 -6.25 -22.16 -5.95
CA ALA A 84 -7.27 -21.53 -5.13
C ALA A 84 -8.12 -20.59 -5.96
N ASN A 85 -9.33 -20.36 -5.46
CA ASN A 85 -10.24 -19.34 -6.00
C ASN A 85 -10.37 -18.25 -4.94
N ILE A 86 -9.98 -17.02 -5.28
CA ILE A 86 -10.07 -15.91 -4.34
C ILE A 86 -11.28 -15.03 -4.61
N GLY A 87 -12.23 -15.52 -5.40
CA GLY A 87 -13.48 -14.81 -5.64
C GLY A 87 -13.67 -14.46 -7.10
N MET A 88 -14.89 -14.63 -7.60
CA MET A 88 -15.21 -14.25 -8.98
C MET A 88 -14.33 -15.00 -9.98
N GLY A 89 -13.86 -16.17 -9.61
CA GLY A 89 -12.99 -16.96 -10.45
C GLY A 89 -11.51 -16.60 -10.40
N GLU A 90 -11.14 -15.54 -9.67
CA GLU A 90 -9.77 -15.08 -9.68
C GLU A 90 -8.87 -16.03 -8.89
N ARG A 91 -7.62 -16.10 -9.33
CA ARG A 91 -6.60 -16.90 -8.69
C ARG A 91 -5.57 -16.00 -8.01
N ILE A 92 -4.87 -16.55 -7.03
CA ILE A 92 -3.79 -15.81 -6.38
C ILE A 92 -2.77 -15.39 -7.42
N PRO A 93 -2.52 -14.10 -7.60
CA PRO A 93 -1.52 -13.69 -8.58
C PRO A 93 -0.13 -13.61 -7.97
N THR A 94 0.84 -13.57 -8.86
CA THR A 94 2.22 -13.32 -8.53
C THR A 94 2.50 -11.86 -8.82
N LEU A 95 3.53 -11.33 -8.20
CA LEU A 95 3.91 -9.94 -8.46
C LEU A 95 4.26 -9.71 -9.93
N GLU A 96 4.84 -10.73 -10.57
CA GLU A 96 5.17 -10.58 -11.99
C GLU A 96 3.92 -10.39 -12.83
N GLU A 97 2.86 -11.14 -12.52
CA GLU A 97 1.56 -10.96 -13.19
C GLU A 97 1.01 -9.55 -12.95
N VAL A 98 1.13 -9.06 -11.72
CA VAL A 98 0.69 -7.70 -11.43
C VAL A 98 1.35 -6.70 -12.35
N PHE A 99 2.67 -6.81 -12.51
CA PHE A 99 3.35 -5.85 -13.36
C PHE A 99 3.00 -6.03 -14.86
N GLU A 100 2.56 -7.21 -15.28
CA GLU A 100 2.13 -7.32 -16.68
C GLU A 100 0.79 -6.64 -16.90
N ILE A 101 -0.13 -6.76 -15.92
CA ILE A 101 -1.46 -6.16 -15.96
C ILE A 101 -1.40 -4.64 -15.91
N LEU A 102 -0.56 -4.07 -15.06
CA LEU A 102 -0.64 -2.64 -14.81
C LEU A 102 -0.13 -1.83 -16.01
N PRO A 103 -0.73 -0.69 -16.29
CA PRO A 103 -0.07 0.31 -17.12
C PRO A 103 1.36 0.53 -16.65
N LYS A 104 2.25 0.76 -17.62
CA LYS A 104 3.66 0.90 -17.31
C LYS A 104 3.94 2.15 -16.49
N ASP A 105 3.00 3.09 -16.44
CA ASP A 105 3.15 4.30 -15.65
C ASP A 105 2.30 4.30 -14.37
N ALA A 106 1.51 3.25 -14.14
CA ALA A 106 0.66 3.21 -12.96
C ALA A 106 1.50 3.04 -11.71
N LEU A 107 1.01 3.59 -10.61
CA LEU A 107 1.74 3.49 -9.35
C LEU A 107 1.41 2.18 -8.67
N LEU A 108 2.39 1.61 -7.98
CA LEU A 108 2.20 0.37 -7.28
C LEU A 108 2.86 0.51 -5.91
N ASN A 109 2.06 0.40 -4.86
CA ASN A 109 2.57 0.31 -3.47
C ASN A 109 2.57 -1.15 -3.08
N ILE A 110 3.78 -1.71 -2.95
CA ILE A 110 3.98 -3.10 -2.53
C ILE A 110 4.19 -3.05 -1.01
N GLU A 111 3.26 -3.62 -0.29
CA GLU A 111 3.41 -3.82 1.15
C GLU A 111 4.05 -5.19 1.32
N ILE A 112 5.28 -5.23 1.82
CA ILE A 112 5.98 -6.48 2.09
C ILE A 112 5.50 -7.00 3.43
N LYS A 113 4.86 -8.15 3.41
CA LYS A 113 4.36 -8.76 4.64
C LYS A 113 5.36 -9.78 5.19
N ASP A 114 6.38 -10.08 4.41
CA ASP A 114 7.28 -11.22 4.62
C ASP A 114 8.70 -10.76 4.34
N ARG A 115 9.53 -10.64 5.39
CA ARG A 115 10.89 -10.16 5.16
C ARG A 115 11.68 -11.07 4.21
N ASP A 116 11.29 -12.34 4.09
CA ASP A 116 12.00 -13.24 3.18
C ASP A 116 11.79 -12.90 1.72
N ALA A 117 10.72 -12.15 1.40
CA ALA A 117 10.40 -11.77 0.03
C ALA A 117 11.20 -10.58 -0.47
N ALA A 118 11.95 -9.91 0.41
CA ALA A 118 12.53 -8.62 0.04
C ALA A 118 13.50 -8.73 -1.13
N LYS A 119 14.39 -9.73 -1.09
CA LYS A 119 15.34 -9.93 -2.17
C LYS A 119 14.63 -10.07 -3.53
N GLU A 120 13.66 -10.98 -3.61
CA GLU A 120 12.95 -11.20 -4.88
C GLU A 120 12.13 -9.97 -5.25
N VAL A 121 11.49 -9.30 -4.30
CA VAL A 121 10.73 -8.11 -4.66
C VAL A 121 11.65 -7.07 -5.30
N ALA A 122 12.84 -6.86 -4.72
CA ALA A 122 13.74 -5.85 -5.28
C ALA A 122 14.16 -6.22 -6.70
N ARG A 123 14.39 -7.51 -6.95
CA ARG A 123 14.79 -7.91 -8.30
C ARG A 123 13.66 -7.64 -9.30
N ILE A 124 12.47 -8.17 -9.02
CA ILE A 124 11.31 -7.97 -9.90
C ILE A 124 11.04 -6.49 -10.13
N VAL A 125 11.15 -5.67 -9.07
CA VAL A 125 10.94 -4.23 -9.19
C VAL A 125 11.98 -3.58 -10.11
N SER A 126 13.23 -3.98 -10.04
CA SER A 126 14.26 -3.30 -10.84
C SER A 126 13.99 -3.47 -12.34
N GLU A 127 13.32 -4.56 -12.71
CA GLU A 127 12.94 -4.90 -14.08
C GLU A 127 11.66 -4.22 -14.56
N ASN A 128 10.91 -3.55 -13.69
CA ASN A 128 9.57 -3.10 -14.06
C ASN A 128 9.36 -1.63 -13.74
N ASN A 129 10.35 -0.82 -14.00
CA ASN A 129 10.24 0.62 -13.86
C ASN A 129 10.04 1.00 -12.39
N PRO A 130 11.12 0.99 -11.61
CA PRO A 130 10.99 1.22 -10.17
C PRO A 130 10.51 2.60 -9.82
N GLU A 131 10.58 3.57 -10.74
CA GLU A 131 10.20 4.93 -10.38
C GLU A 131 8.74 5.03 -9.93
N ARG A 132 7.88 4.11 -10.35
CA ARG A 132 6.47 4.16 -10.00
C ARG A 132 6.11 3.26 -8.81
N VAL A 133 7.12 2.71 -8.14
CA VAL A 133 6.90 1.72 -7.07
C VAL A 133 7.13 2.42 -5.74
N MET A 134 6.33 2.06 -4.73
CA MET A 134 6.61 2.41 -3.33
C MET A 134 6.64 1.09 -2.58
N ILE A 135 7.68 0.89 -1.78
CA ILE A 135 7.77 -0.26 -0.91
C ILE A 135 7.37 0.21 0.48
N SER A 136 6.48 -0.52 1.12
CA SER A 136 6.12 -0.20 2.51
C SER A 136 6.05 -1.49 3.32
N SER A 137 6.05 -1.33 4.66
CA SER A 137 5.91 -2.45 5.55
C SER A 137 5.72 -1.89 6.96
N PHE A 138 5.06 -2.67 7.80
CA PHE A 138 5.03 -2.44 9.24
C PHE A 138 6.31 -2.94 9.90
N ASP A 139 7.00 -3.85 9.21
CA ASP A 139 8.14 -4.62 9.77
C ASP A 139 9.40 -3.89 9.33
N ILE A 140 10.02 -3.19 10.28
CA ILE A 140 11.28 -2.49 10.03
C ILE A 140 12.33 -3.41 9.43
N GLU A 141 12.42 -4.67 9.90
CA GLU A 141 13.44 -5.57 9.37
C GLU A 141 13.14 -5.97 7.94
N ALA A 142 11.89 -5.91 7.50
CA ALA A 142 11.63 -6.12 6.06
C ALA A 142 12.14 -4.95 5.25
N LEU A 143 11.93 -3.73 5.73
CA LEU A 143 12.45 -2.56 5.06
C LEU A 143 13.97 -2.51 5.08
N ARG A 144 14.59 -2.94 6.20
CA ARG A 144 16.04 -2.90 6.26
C ARG A 144 16.61 -3.91 5.27
N GLU A 145 16.01 -5.08 5.21
CA GLU A 145 16.44 -6.10 4.27
C GLU A 145 16.26 -5.62 2.83
N TYR A 146 15.11 -5.02 2.52
CA TYR A 146 14.92 -4.48 1.17
C TYR A 146 16.02 -3.50 0.81
N ARG A 147 16.44 -2.69 1.76
CA ARG A 147 17.46 -1.69 1.48
C ARG A 147 18.84 -2.32 1.19
N LYS A 148 19.05 -3.60 1.51
CA LYS A 148 20.32 -4.23 1.12
C LYS A 148 20.41 -4.37 -0.39
N TYR A 149 19.27 -4.45 -1.07
CA TYR A 149 19.20 -4.74 -2.50
C TYR A 149 18.83 -3.53 -3.34
N ASP A 150 18.22 -2.51 -2.75
CA ASP A 150 17.67 -1.39 -3.50
C ASP A 150 17.60 -0.21 -2.55
N ASP A 151 18.44 0.80 -2.77
CA ASP A 151 18.46 1.96 -1.90
C ASP A 151 17.86 3.20 -2.54
N THR A 152 17.23 3.08 -3.71
CA THR A 152 16.63 4.24 -4.36
C THR A 152 15.09 4.23 -4.42
N THR A 153 14.46 3.07 -4.47
CA THR A 153 13.00 3.04 -4.56
C THR A 153 12.39 3.76 -3.35
N ILE A 154 11.34 4.54 -3.62
CA ILE A 154 10.53 5.22 -2.61
C ILE A 154 10.00 4.23 -1.58
N MET A 155 10.09 4.60 -0.29
CA MET A 155 9.78 3.71 0.82
C MET A 155 8.94 4.41 1.88
N GLY A 156 7.92 3.72 2.33
CA GLY A 156 7.03 4.25 3.36
C GLY A 156 7.07 3.30 4.54
N LEU A 157 7.05 3.87 5.74
CA LEU A 157 6.90 3.10 6.96
C LEU A 157 5.43 3.11 7.38
N LEU A 158 4.84 1.96 7.45
CA LEU A 158 3.51 1.76 8.02
C LEU A 158 3.63 1.78 9.53
N VAL A 159 2.76 2.52 10.17
CA VAL A 159 2.74 2.67 11.62
C VAL A 159 1.41 2.19 12.19
N ASP A 160 1.49 1.33 13.19
CA ASP A 160 0.29 0.88 13.87
C ASP A 160 0.42 0.93 15.38
N LYS A 161 1.56 1.40 15.91
CA LYS A 161 1.76 1.51 17.35
C LYS A 161 2.26 2.91 17.69
N GLU A 162 1.78 3.44 18.80
CA GLU A 162 2.19 4.79 19.19
C GLU A 162 3.69 4.85 19.50
N GLU A 163 4.30 3.77 19.99
CA GLU A 163 5.69 3.89 20.41
C GLU A 163 6.66 3.94 19.23
N THR A 164 6.16 3.73 18.02
CA THR A 164 6.99 3.85 16.84
C THR A 164 7.24 5.31 16.48
N VAL A 165 6.29 6.20 16.81
CA VAL A 165 6.37 7.57 16.31
C VAL A 165 7.66 8.29 16.71
N PRO A 166 8.06 8.30 17.99
CA PRO A 166 9.33 9.00 18.34
C PRO A 166 10.55 8.43 17.64
N LEU A 167 10.46 7.21 17.14
CA LEU A 167 11.57 6.55 16.46
C LEU A 167 11.74 7.00 15.02
N ILE A 168 10.78 7.78 14.50
CA ILE A 168 10.76 8.04 13.07
C ILE A 168 12.00 8.79 12.57
N PRO A 169 12.47 9.86 13.21
CA PRO A 169 13.70 10.52 12.72
C PRO A 169 14.90 9.59 12.53
N LYS A 170 15.13 8.65 13.45
CA LYS A 170 16.23 7.70 13.24
C LYS A 170 15.90 6.67 12.16
N LEU A 171 14.67 6.17 12.13
CA LEU A 171 14.29 5.24 11.06
C LEU A 171 14.41 5.92 9.70
N LYS A 172 14.08 7.21 9.62
CA LYS A 172 14.20 7.92 8.35
C LYS A 172 15.63 7.88 7.83
N GLU A 173 16.59 8.11 8.73
CA GLU A 173 18.02 7.98 8.45
C GLU A 173 18.42 6.55 8.09
N LYS A 174 18.04 5.58 8.90
CA LYS A 174 18.50 4.22 8.67
C LYS A 174 17.95 3.65 7.38
N LEU A 175 16.72 4.05 7.02
CA LEU A 175 16.01 3.40 5.92
C LEU A 175 15.84 4.28 4.69
N ASN A 176 16.25 5.55 4.74
CA ASN A 176 15.96 6.52 3.71
C ASN A 176 14.46 6.57 3.38
N LEU A 177 13.64 6.89 4.39
CA LEU A 177 12.19 6.88 4.18
C LEU A 177 11.76 8.07 3.36
N TRP A 178 10.75 7.85 2.54
CA TRP A 178 10.06 8.97 1.90
C TRP A 178 8.80 9.39 2.64
N SER A 179 8.06 8.43 3.21
CA SER A 179 6.79 8.74 3.80
C SER A 179 6.54 7.87 5.03
N VAL A 180 5.64 8.36 5.86
CA VAL A 180 5.02 7.58 6.93
C VAL A 180 3.57 7.34 6.54
N ASN A 181 3.13 6.10 6.69
CA ASN A 181 1.86 5.69 6.17
C ASN A 181 0.94 5.42 7.34
N VAL A 182 0.01 6.33 7.54
CA VAL A 182 -0.75 6.51 8.78
C VAL A 182 -2.19 6.02 8.64
N PRO A 183 -2.71 5.27 9.64
CA PRO A 183 -4.13 4.86 9.58
C PRO A 183 -5.09 5.91 10.09
N MET A 184 -6.20 6.04 9.37
CA MET A 184 -7.28 6.91 9.87
C MET A 184 -7.79 6.45 11.23
N GLU A 185 -7.68 5.17 11.54
CA GLU A 185 -8.06 4.66 12.85
C GLU A 185 -7.32 5.35 13.98
N ALA A 186 -6.19 5.98 13.70
CA ALA A 186 -5.48 6.73 14.73
C ALA A 186 -6.37 7.81 15.32
N ILE A 187 -7.28 8.39 14.53
CA ILE A 187 -8.04 9.53 14.98
C ILE A 187 -8.95 9.15 16.15
N PRO A 188 -9.79 8.13 16.03
CA PRO A 188 -10.53 7.67 17.21
C PRO A 188 -9.64 7.17 18.32
N ILE A 189 -8.62 6.39 17.98
CA ILE A 189 -7.89 5.63 18.99
C ILE A 189 -7.00 6.54 19.83
N ILE A 190 -6.28 7.48 19.23
CA ILE A 190 -5.47 8.39 20.04
C ILE A 190 -6.03 9.81 20.09
N GLY A 191 -6.95 10.17 19.23
CA GLY A 191 -7.61 11.45 19.20
C GLY A 191 -7.19 12.31 18.03
N PHE A 192 -8.15 13.09 17.53
CA PHE A 192 -7.85 13.87 16.33
C PHE A 192 -6.67 14.79 16.56
N GLU A 193 -6.68 15.56 17.65
CA GLU A 193 -5.67 16.60 17.75
C GLU A 193 -4.29 15.99 17.94
N LYS A 194 -4.17 14.91 18.73
CA LYS A 194 -2.86 14.27 18.89
C LYS A 194 -2.37 13.71 17.55
N THR A 195 -3.29 13.17 16.76
CA THR A 195 -2.94 12.65 15.45
C THR A 195 -2.49 13.79 14.55
N TYR A 196 -3.24 14.89 14.54
CA TYR A 196 -2.87 16.04 13.73
C TYR A 196 -1.47 16.56 14.09
N GLN A 197 -1.18 16.70 15.38
CA GLN A 197 0.13 17.24 15.76
C GLN A 197 1.25 16.27 15.43
N ALA A 198 0.99 14.97 15.52
CA ALA A 198 1.99 13.99 15.15
C ALA A 198 2.27 14.06 13.65
N ILE A 199 1.22 14.18 12.84
CA ILE A 199 1.41 14.30 11.39
C ILE A 199 2.21 15.57 11.07
N LYS A 200 1.81 16.68 11.65
CA LYS A 200 2.51 17.94 11.50
C LYS A 200 3.99 17.80 11.84
N TRP A 201 4.31 17.13 12.95
CA TRP A 201 5.72 16.94 13.32
C TRP A 201 6.46 16.09 12.30
N VAL A 202 5.87 14.97 11.88
CA VAL A 202 6.51 14.11 10.89
C VAL A 202 6.79 14.88 9.62
N ARG A 203 5.83 15.71 9.20
CA ARG A 203 6.00 16.48 7.97
C ARG A 203 7.14 17.47 8.10
N SER A 204 7.32 18.05 9.30
CA SER A 204 8.41 19.00 9.57
C SER A 204 9.77 18.31 9.45
N LEU A 205 9.81 16.99 9.54
CA LEU A 205 11.04 16.25 9.32
C LEU A 205 11.33 16.02 7.83
N GLY A 206 10.47 16.49 6.93
CA GLY A 206 10.67 16.29 5.50
C GLY A 206 9.99 15.07 4.93
N LEU A 207 9.15 14.41 5.72
CA LEU A 207 8.46 13.19 5.31
C LEU A 207 7.11 13.53 4.70
N LYS A 208 6.73 12.76 3.68
CA LYS A 208 5.42 12.82 3.11
C LYS A 208 4.49 11.90 3.91
N ILE A 209 3.20 11.97 3.63
CA ILE A 209 2.18 11.24 4.40
C ILE A 209 1.26 10.49 3.45
N VAL A 210 1.07 9.20 3.74
CA VAL A 210 0.15 8.30 3.07
C VAL A 210 -0.93 7.96 4.09
N LEU A 211 -2.19 8.22 3.77
CA LEU A 211 -3.32 7.90 4.65
C LEU A 211 -3.97 6.61 4.17
N TRP A 212 -4.23 5.69 5.10
CA TRP A 212 -4.92 4.46 4.75
C TRP A 212 -5.93 4.14 5.83
N THR A 213 -6.75 3.13 5.59
CA THR A 213 -7.71 2.68 6.60
C THR A 213 -8.26 1.31 6.25
N GLU A 214 -8.72 0.62 7.28
CA GLU A 214 -9.46 -0.62 7.05
C GLU A 214 -10.95 -0.40 6.83
N ASP A 215 -11.45 0.83 6.98
CA ASP A 215 -12.88 1.14 6.83
C ASP A 215 -13.00 2.55 6.26
N ASP A 216 -13.38 2.66 4.97
CA ASP A 216 -13.44 3.99 4.35
C ASP A 216 -14.37 4.96 5.09
N LYS A 217 -15.32 4.46 5.88
CA LYS A 217 -16.18 5.36 6.65
C LYS A 217 -15.35 6.37 7.45
N LEU A 218 -14.15 5.96 7.91
CA LEU A 218 -13.33 6.86 8.72
C LEU A 218 -12.69 7.97 7.93
N PHE A 219 -12.72 7.95 6.61
CA PHE A 219 -12.32 9.13 5.85
C PHE A 219 -13.36 10.26 5.97
N TYR A 220 -14.61 9.89 6.06
CA TYR A 220 -15.72 10.79 5.82
C TYR A 220 -16.43 11.22 7.09
N VAL A 221 -16.50 10.35 8.08
CA VAL A 221 -17.08 10.74 9.37
C VAL A 221 -16.31 11.93 9.94
N ASP A 222 -17.06 12.86 10.55
CA ASP A 222 -16.49 14.06 11.18
C ASP A 222 -15.54 14.80 10.25
N GLU A 223 -15.76 14.67 8.95
CA GLU A 223 -14.85 15.13 7.91
C GLU A 223 -13.38 15.05 8.35
N ASN A 224 -13.03 13.84 8.79
CA ASN A 224 -11.64 13.53 9.13
C ASN A 224 -10.68 13.87 8.01
N LEU A 225 -10.88 13.30 6.79
CA LEU A 225 -9.91 13.56 5.72
C LEU A 225 -9.86 15.03 5.34
N LYS A 226 -11.00 15.68 5.29
CA LYS A 226 -11.05 17.08 4.89
C LYS A 226 -10.26 17.96 5.86
N ARG A 227 -10.30 17.64 7.15
CA ARG A 227 -9.55 18.39 8.14
C ARG A 227 -8.04 18.22 7.99
N LEU A 228 -7.61 17.24 7.21
CA LEU A 228 -6.21 16.97 6.96
C LEU A 228 -5.76 17.44 5.60
N LEU A 229 -6.61 18.13 4.83
CA LEU A 229 -6.16 18.66 3.55
C LEU A 229 -4.89 19.49 3.73
N GLY A 230 -3.96 19.30 2.81
CA GLY A 230 -2.67 19.93 2.86
C GLY A 230 -1.60 19.12 3.54
N MET A 231 -1.98 18.02 4.20
CA MET A 231 -1.05 17.27 5.04
C MET A 231 -0.90 15.83 4.56
N PHE A 232 -1.43 15.49 3.40
CA PHE A 232 -1.19 14.17 2.85
C PHE A 232 -0.97 14.26 1.35
N GLU A 233 -0.17 13.34 0.84
CA GLU A 233 0.13 13.24 -0.59
C GLU A 233 -0.62 12.10 -1.27
N VAL A 234 -0.95 11.07 -0.50
CA VAL A 234 -1.46 9.80 -1.01
C VAL A 234 -2.59 9.36 -0.09
N VAL A 235 -3.68 8.92 -0.68
CA VAL A 235 -4.74 8.24 0.09
C VAL A 235 -4.99 6.87 -0.53
N ILE A 236 -5.04 5.86 0.33
CA ILE A 236 -5.27 4.48 -0.08
C ILE A 236 -6.71 4.16 0.30
N ALA A 237 -7.56 3.97 -0.69
CA ALA A 237 -9.00 3.88 -0.46
C ALA A 237 -9.53 2.50 -0.78
N ASN A 238 -10.44 2.00 0.04
CA ASN A 238 -11.06 0.72 -0.29
C ASN A 238 -12.06 0.87 -1.42
N ASP A 239 -12.72 2.03 -1.50
CA ASP A 239 -13.78 2.36 -2.49
C ASP A 239 -13.24 3.46 -3.37
N VAL A 240 -12.65 3.09 -4.51
CA VAL A 240 -11.95 4.07 -5.33
C VAL A 240 -12.92 5.10 -5.90
N GLU A 241 -14.03 4.63 -6.49
CA GLU A 241 -14.97 5.56 -7.13
C GLU A 241 -15.46 6.61 -6.15
N ARG A 242 -15.83 6.19 -4.94
CA ARG A 242 -16.29 7.11 -3.92
C ARG A 242 -15.22 8.12 -3.56
N MET A 243 -13.97 7.67 -3.40
CA MET A 243 -12.91 8.61 -3.05
C MET A 243 -12.63 9.58 -4.19
N VAL A 244 -12.55 9.07 -5.42
CA VAL A 244 -12.29 9.93 -6.57
C VAL A 244 -13.38 10.99 -6.68
N SER A 245 -14.63 10.62 -6.41
CA SER A 245 -15.72 11.60 -6.51
C SER A 245 -15.66 12.61 -5.40
N TYR A 246 -15.36 12.14 -4.19
CA TYR A 246 -15.23 13.04 -3.04
C TYR A 246 -14.15 14.09 -3.27
N LEU A 247 -12.97 13.67 -3.70
CA LEU A 247 -11.90 14.63 -3.88
C LEU A 247 -12.19 15.57 -5.04
N SER A 248 -12.93 15.12 -6.05
CA SER A 248 -13.31 16.08 -7.08
C SER A 248 -14.37 17.05 -6.55
N SER A 249 -15.24 16.57 -5.65
CA SER A 249 -16.31 17.41 -5.10
C SER A 249 -15.75 18.52 -4.20
N LEU A 250 -14.59 18.31 -3.59
CA LEU A 250 -13.87 19.38 -2.90
C LEU A 250 -13.12 20.31 -3.85
N GLY A 251 -13.08 20.01 -5.14
CA GLY A 251 -12.39 20.86 -6.10
C GLY A 251 -10.90 20.79 -6.07
N ILE A 252 -10.32 19.72 -5.52
CA ILE A 252 -8.88 19.63 -5.33
C ILE A 252 -8.21 18.63 -6.26
N ARG A 253 -8.92 17.60 -6.72
CA ARG A 253 -8.34 16.58 -7.59
C ARG A 253 -9.30 16.32 -8.75
N LEU A 254 -8.86 16.64 -9.96
CA LEU A 254 -9.69 16.44 -11.15
C LEU A 254 -9.74 14.95 -11.49
N GLU A 255 -10.92 14.48 -11.90
CA GLU A 255 -11.08 13.07 -12.27
C GLU A 255 -10.41 12.76 -13.62
C1 PLM B . -4.63 -2.02 11.33
O1 PLM B . -4.87 -2.67 10.27
O2 PLM B . -3.69 -2.19 12.15
C2 PLM B . -5.68 -0.84 11.63
C3 PLM B . -5.66 -0.30 13.04
C4 PLM B . -4.41 0.53 13.36
C5 PLM B . -4.64 1.49 14.51
C6 PLM B . -3.40 2.02 15.16
C7 PLM B . -3.60 3.39 15.87
C8 PLM B . -2.30 4.03 16.43
C9 PLM B . -1.22 4.29 15.34
CA PLM B . -0.21 5.41 15.57
CB PLM B . -0.61 6.81 14.99
CC PLM B . 0.51 7.74 14.79
CD PLM B . 0.29 8.80 13.73
CE PLM B . 1.37 9.88 13.61
CF PLM B . 2.50 9.62 12.58
CG PLM B . 2.59 10.67 11.52
H21 PLM B . -6.68 -1.23 11.38
H22 PLM B . -5.48 -0.04 10.91
H31 PLM B . -5.73 -1.14 13.75
H32 PLM B . -6.57 0.30 13.21
H41 PLM B . -4.10 1.10 12.47
H42 PLM B . -3.57 -0.14 13.61
H51 PLM B . -5.26 0.99 15.27
H52 PLM B . -5.25 2.34 14.14
H61 PLM B . -2.62 2.13 14.40
H62 PLM B . -3.04 1.29 15.89
H71 PLM B . -4.32 3.26 16.69
H72 PLM B . -4.08 4.10 15.16
H81 PLM B . -1.88 3.39 17.21
H82 PLM B . -2.55 4.98 16.92
H91 PLM B . -1.73 4.48 14.39
H92 PLM B . -0.65 3.36 15.21
HA1 PLM B . 0.75 5.12 15.12
HA2 PLM B . -0.03 5.52 16.66
HB1 PLM B . -1.13 6.65 14.04
HB2 PLM B . -1.34 7.27 15.67
HC1 PLM B . 1.41 7.16 14.52
HC2 PLM B . 0.75 8.23 15.74
HD1 PLM B . -0.68 9.29 13.93
HD2 PLM B . 0.18 8.30 12.76
HE1 PLM B . 1.83 10.03 14.59
HE2 PLM B . 0.88 10.83 13.34
HF1 PLM B . 2.34 8.63 12.10
HF2 PLM B . 3.46 9.54 13.11
HG1 PLM B . 3.34 10.43 10.76
HG2 PLM B . 2.87 11.64 11.95
HG3 PLM B . 1.63 10.81 11.00
C4 CHT C . -1.96 -2.42 6.22
C5 CHT C . -1.77 -1.07 5.54
C6 CHT C . -2.77 -2.17 3.77
C7 CHT C . -0.90 -0.51 3.24
C8 CHT C . -3.00 0.14 3.93
O6 CHT C . -3.25 -2.89 6.42
N1 CHT C . -2.08 -0.92 4.12
HC41 CHT C . -1.55 -2.36 7.09
HC42 CHT C . -1.50 -3.09 5.69
HC51 CHT C . -2.34 -0.44 6.00
HC52 CHT C . -0.84 -0.82 5.65
H61 CHT C . -2.18 -2.92 3.93
H62 CHT C . -3.02 -2.15 2.84
H63 CHT C . -3.56 -2.26 4.32
H71 CHT C . -1.21 -0.25 2.36
H72 CHT C . -0.28 -1.26 3.14
H73 CHT C . -0.43 0.23 3.65
H81 CHT C . -3.25 0.19 3.00
H82 CHT C . -2.57 0.98 4.21
H83 CHT C . -3.79 -0.01 4.48
HO6 CHT C . -3.25 -3.74 6.27
MG MG D . -1.73 -3.85 2.88
#